data_9F15
#
_entry.id   9F15
#
_cell.length_a   46.344
_cell.length_b   70.664
_cell.length_c   146.349
_cell.angle_alpha   90.00
_cell.angle_beta   90.00
_cell.angle_gamma   90.00
#
_symmetry.space_group_name_H-M   'C 2 2 21'
#
loop_
_entity.id
_entity.type
_entity.pdbx_description
1 polymer 'Carbonic anhydrase 2'
2 non-polymer '4,4,7,10,10-pentamethyl-3,6,8,11-tetrakis(oxidanylidene)-N-[2-(4-sulfamoylphenyl)ethyl]-2,5,7,9,12-pentazabicyclo[11.4.0]heptadeca-1(13),14,16-triene-15-carboxamide containing iron'
3 non-polymer methanesulfonamide
4 non-polymer 'ACETATE ION'
5 non-polymer 'ZINC ION'
6 water water
#
_entity_poly.entity_id   1
_entity_poly.type   'polypeptide(L)'
_entity_poly.pdbx_seq_one_letter_code
;MAHHWGYGKHNGPEHWHKDFPIAKGERQSPVDIDTHTAKYDPSLKPLSVSYDQATSLRILNNRHTINVRFDDSQDKAVLK
GGPLDGTYRLIQFHFHWGSHDGQGSEHTVDKKKYAAELHLVHWNTKYGDFGKAVQQPDGLAVLGIFLKVGSALPGLQKVV
DVLDSIKTKGKSADFTNFDPRGLLPESLDYWTYPGSLTTPPLLESVTWIVLKEPISVSSEQVSKFRKLNFNGEGEPEEPM
VDNWRPTQPLKNRQIKASFK
;
_entity_poly.pdbx_strand_id   A
#
# COMPACT_ATOMS: atom_id res chain seq x y z
N HIS A 4 -22.22 0.45 -1.50
CA HIS A 4 -20.81 0.20 -1.88
C HIS A 4 -19.92 0.11 -0.64
N TRP A 5 -18.92 -0.76 -0.74
CA TRP A 5 -18.00 -0.97 0.36
C TRP A 5 -17.23 0.32 0.65
N GLY A 6 -16.77 0.38 1.90
CA GLY A 6 -16.02 1.53 2.40
C GLY A 6 -15.39 1.16 3.74
N TYR A 7 -15.29 2.16 4.63
CA TYR A 7 -14.68 1.96 5.93
C TYR A 7 -15.63 2.47 7.02
N GLY A 8 -16.92 2.65 6.69
CA GLY A 8 -17.89 3.09 7.67
C GLY A 8 -18.41 1.96 8.53
N LYS A 9 -19.30 2.34 9.45
CA LYS A 9 -19.99 1.41 10.30
C LYS A 9 -20.85 0.43 9.49
N HIS A 10 -21.43 0.89 8.39
CA HIS A 10 -22.40 0.08 7.65
C HIS A 10 -21.77 -0.60 6.44
N ASN A 11 -20.54 -0.21 6.05
CA ASN A 11 -19.99 -0.75 4.80
C ASN A 11 -18.51 -1.12 4.94
N GLY A 12 -18.04 -1.23 6.17
CA GLY A 12 -16.62 -1.39 6.40
C GLY A 12 -16.17 -2.84 6.46
N PRO A 13 -14.91 -3.07 6.89
CA PRO A 13 -14.28 -4.40 6.84
C PRO A 13 -15.09 -5.61 7.34
N GLU A 14 -15.93 -5.39 8.37
CA GLU A 14 -16.78 -6.45 8.91
C GLU A 14 -17.89 -6.87 7.95
N HIS A 15 -18.26 -6.01 7.01
CA HIS A 15 -19.31 -6.25 6.03
C HIS A 15 -18.80 -6.90 4.75
N TRP A 16 -17.50 -6.76 4.45
CA TRP A 16 -17.03 -7.01 3.09
C TRP A 16 -17.31 -8.43 2.60
N HIS A 17 -17.26 -9.38 3.54
CA HIS A 17 -17.35 -10.78 3.23
C HIS A 17 -18.67 -11.12 2.52
N LYS A 18 -19.71 -10.29 2.70
CA LYS A 18 -21.02 -10.59 2.15
C LYS A 18 -20.97 -10.46 0.62
N ASP A 19 -20.24 -9.47 0.12
CA ASP A 19 -20.01 -9.34 -1.32
C ASP A 19 -18.71 -10.01 -1.79
N PHE A 20 -17.70 -10.16 -0.91
CA PHE A 20 -16.46 -10.81 -1.30
C PHE A 20 -16.11 -11.88 -0.30
N PRO A 21 -16.65 -13.11 -0.43
CA PRO A 21 -16.47 -14.14 0.60
C PRO A 21 -15.02 -14.57 0.90
N ILE A 22 -14.11 -14.33 -0.06
CA ILE A 22 -12.69 -14.55 0.15
C ILE A 22 -12.15 -13.69 1.30
N ALA A 23 -12.93 -12.70 1.77
CA ALA A 23 -12.58 -11.96 2.95
C ALA A 23 -12.21 -12.87 4.11
N LYS A 24 -12.80 -14.08 4.20
CA LYS A 24 -12.50 -15.03 5.26
C LYS A 24 -11.55 -16.13 4.79
N GLY A 25 -10.75 -15.88 3.74
CA GLY A 25 -9.95 -16.91 3.09
C GLY A 25 -8.70 -17.24 3.89
N GLU A 26 -7.81 -18.05 3.33
CA GLU A 26 -6.65 -18.55 4.10
C GLU A 26 -5.40 -17.67 3.93
N ARG A 27 -5.42 -16.74 2.97
CA ARG A 27 -4.21 -15.91 2.70
C ARG A 27 -4.64 -14.42 2.64
N GLN A 28 -5.25 -13.95 3.71
CA GLN A 28 -5.77 -12.57 3.72
C GLN A 28 -4.74 -11.61 4.32
N SER A 29 -4.83 -10.34 3.95
CA SER A 29 -3.93 -9.30 4.36
C SER A 29 -4.77 -8.15 4.89
N PRO A 30 -4.25 -7.28 5.79
CA PRO A 30 -2.88 -7.36 6.33
C PRO A 30 -2.77 -8.30 7.51
N VAL A 31 -1.56 -8.42 8.07
CA VAL A 31 -1.30 -9.30 9.19
C VAL A 31 -0.44 -8.56 10.20
N ASP A 32 -0.44 -9.09 11.43
CA ASP A 32 0.54 -8.66 12.42
C ASP A 32 1.87 -9.37 12.18
N ILE A 33 2.96 -8.59 12.18
CA ILE A 33 4.27 -9.16 12.01
C ILE A 33 4.90 -9.25 13.40
N ASP A 34 5.15 -10.49 13.83
CA ASP A 34 5.73 -10.76 15.13
C ASP A 34 7.23 -10.93 14.92
N THR A 35 8.00 -9.96 15.39
CA THR A 35 9.36 -9.83 14.93
C THR A 35 10.19 -10.91 15.61
N HIS A 36 9.67 -11.47 16.71
CA HIS A 36 10.39 -12.51 17.44
C HIS A 36 10.29 -13.85 16.70
N THR A 37 9.29 -14.03 15.86
CA THR A 37 9.08 -15.37 15.30
C THR A 37 9.16 -15.40 13.77
N ALA A 38 9.26 -14.24 13.13
CA ALA A 38 9.53 -14.23 11.69
C ALA A 38 10.98 -14.65 11.41
N LYS A 39 11.21 -15.68 10.59
CA LYS A 39 12.55 -16.28 10.53
C LYS A 39 13.33 -15.72 9.34
N TYR A 40 14.61 -15.41 9.54
CA TYR A 40 15.52 -15.10 8.45
C TYR A 40 15.55 -16.24 7.44
N ASP A 41 15.42 -15.94 6.15
CA ASP A 41 15.38 -16.96 5.14
C ASP A 41 16.52 -16.71 4.16
N PRO A 42 17.49 -17.64 4.07
CA PRO A 42 18.71 -17.39 3.30
C PRO A 42 18.53 -17.58 1.79
N SER A 43 17.44 -18.22 1.40
CA SER A 43 17.12 -18.45 0.00
C SER A 43 16.54 -17.20 -0.68
N LEU A 44 16.04 -16.22 0.10
CA LEU A 44 15.67 -14.93 -0.47
C LEU A 44 16.87 -14.35 -1.20
N LYS A 45 16.69 -13.94 -2.46
CA LYS A 45 17.76 -13.23 -3.18
C LYS A 45 17.78 -11.77 -2.76
N PRO A 46 18.78 -10.97 -3.14
CA PRO A 46 18.70 -9.51 -2.98
C PRO A 46 17.48 -8.81 -3.63
N LEU A 47 16.89 -7.85 -2.93
CA LEU A 47 15.75 -7.10 -3.44
C LEU A 47 16.24 -6.01 -4.38
N SER A 48 15.56 -5.86 -5.51
CA SER A 48 15.94 -4.84 -6.46
C SER A 48 14.72 -3.96 -6.74
N VAL A 49 14.76 -2.74 -6.19
CA VAL A 49 13.79 -1.68 -6.44
C VAL A 49 14.43 -0.71 -7.44
N SER A 50 13.93 -0.69 -8.67
CA SER A 50 14.54 0.08 -9.73
C SER A 50 13.51 1.06 -10.33
N TYR A 51 13.55 2.31 -9.86
CA TYR A 51 12.48 3.29 -10.10
C TYR A 51 13.02 4.59 -10.75
N ASP A 52 14.27 4.56 -11.23
CA ASP A 52 14.90 5.76 -11.77
C ASP A 52 14.21 6.22 -13.06
N GLN A 53 13.65 5.32 -13.87
CA GLN A 53 12.91 5.77 -15.04
C GLN A 53 11.39 5.83 -14.82
N ALA A 54 10.91 5.82 -13.56
CA ALA A 54 9.48 5.86 -13.32
C ALA A 54 8.82 7.10 -13.95
N THR A 55 7.65 6.91 -14.57
CA THR A 55 6.93 8.01 -15.19
C THR A 55 5.54 8.13 -14.58
N SER A 56 5.41 9.02 -13.59
CA SER A 56 4.14 9.31 -12.97
C SER A 56 3.22 10.03 -13.96
N LEU A 57 1.91 9.74 -13.92
CA LEU A 57 0.97 10.34 -14.86
C LEU A 57 -0.02 11.24 -14.14
N ARG A 58 -0.80 10.68 -13.20
CA ARG A 58 -1.95 11.34 -12.60
C ARG A 58 -2.20 10.91 -11.16
N ILE A 59 -2.88 11.75 -10.37
CA ILE A 59 -3.25 11.41 -9.00
C ILE A 59 -4.76 11.49 -8.89
N LEU A 60 -5.37 10.58 -8.12
CA LEU A 60 -6.81 10.34 -8.13
C LEU A 60 -7.27 10.06 -6.72
N ASN A 61 -8.37 10.71 -6.33
CA ASN A 61 -9.18 10.34 -5.17
C ASN A 61 -10.29 9.43 -5.65
N ASN A 62 -10.22 8.14 -5.34
CA ASN A 62 -11.24 7.19 -5.86
C ASN A 62 -12.30 6.87 -4.80
N ARG A 63 -12.38 7.66 -3.72
CA ARG A 63 -13.37 7.47 -2.62
C ARG A 63 -12.84 6.50 -1.55
N HIS A 64 -11.73 5.80 -1.83
CA HIS A 64 -11.15 4.82 -0.89
C HIS A 64 -9.78 5.31 -0.40
N THR A 65 -9.03 5.99 -1.27
CA THR A 65 -7.68 6.47 -0.99
C THR A 65 -7.31 7.49 -2.06
N ILE A 66 -6.06 7.94 -2.02
CA ILE A 66 -5.54 8.75 -3.13
C ILE A 66 -4.46 7.87 -3.77
N ASN A 67 -4.42 7.83 -5.10
CA ASN A 67 -3.47 6.94 -5.80
C ASN A 67 -2.71 7.68 -6.91
N VAL A 68 -1.41 7.45 -6.99
CA VAL A 68 -0.57 8.02 -8.09
C VAL A 68 -0.34 6.89 -9.10
N ARG A 69 -0.78 7.07 -10.34
CA ARG A 69 -0.71 6.07 -11.38
C ARG A 69 0.51 6.38 -12.25
N PHE A 70 1.16 5.33 -12.73
CA PHE A 70 2.38 5.42 -13.50
C PHE A 70 2.18 4.79 -14.87
N ASP A 71 3.03 5.17 -15.81
CA ASP A 71 3.07 4.51 -17.11
C ASP A 71 3.72 3.14 -16.94
N ASP A 72 2.97 2.07 -17.13
CA ASP A 72 3.48 0.72 -16.99
C ASP A 72 3.54 0.06 -18.38
N SER A 73 3.88 0.83 -19.42
CA SER A 73 3.91 0.29 -20.78
C SER A 73 5.24 -0.45 -21.01
N GLN A 74 6.28 -0.14 -20.27
CA GLN A 74 7.55 -0.84 -20.45
C GLN A 74 8.19 -1.01 -19.07
N ASP A 75 9.36 -1.65 -18.98
CA ASP A 75 10.03 -1.86 -17.66
C ASP A 75 10.76 -0.60 -17.20
N LYS A 76 10.04 0.50 -17.00
CA LYS A 76 10.65 1.79 -16.55
C LYS A 76 10.75 1.83 -15.01
N ALA A 77 9.89 1.10 -14.32
CA ALA A 77 9.94 1.04 -12.84
C ALA A 77 9.53 -0.37 -12.45
N VAL A 78 10.48 -1.11 -11.89
CA VAL A 78 10.21 -2.50 -11.60
C VAL A 78 10.77 -2.84 -10.23
N LEU A 79 10.11 -3.86 -9.67
CA LEU A 79 10.58 -4.56 -8.50
C LEU A 79 10.98 -5.98 -8.91
N LYS A 80 12.14 -6.46 -8.42
CA LYS A 80 12.62 -7.80 -8.67
C LYS A 80 13.39 -8.29 -7.46
N GLY A 81 13.76 -9.56 -7.51
CA GLY A 81 14.55 -10.20 -6.47
C GLY A 81 13.74 -10.47 -5.21
N GLY A 82 14.39 -10.47 -4.04
CA GLY A 82 13.76 -10.92 -2.81
C GLY A 82 13.02 -12.24 -3.02
N PRO A 83 11.71 -12.34 -2.68
CA PRO A 83 11.00 -13.60 -2.86
C PRO A 83 10.47 -13.75 -4.27
N LEU A 84 10.67 -12.73 -5.12
CA LEU A 84 9.94 -12.70 -6.39
C LEU A 84 10.68 -13.52 -7.45
N ASP A 85 9.90 -14.17 -8.31
CA ASP A 85 10.39 -14.76 -9.55
C ASP A 85 9.95 -13.89 -10.71
N GLY A 86 10.90 -13.46 -11.54
CA GLY A 86 10.57 -12.62 -12.67
C GLY A 86 10.48 -11.16 -12.27
N THR A 87 9.77 -10.40 -13.10
CA THR A 87 9.82 -8.96 -13.09
C THR A 87 8.42 -8.42 -12.80
N TYR A 88 8.34 -7.47 -11.88
CA TYR A 88 7.07 -6.83 -11.52
C TYR A 88 7.14 -5.32 -11.79
N ARG A 89 6.22 -4.86 -12.63
CA ARG A 89 6.18 -3.48 -13.06
C ARG A 89 5.32 -2.63 -12.12
N LEU A 90 5.82 -1.43 -11.79
CA LEU A 90 5.04 -0.53 -10.95
C LEU A 90 3.85 0.04 -11.72
N ILE A 91 2.67 0.00 -11.11
CA ILE A 91 1.44 0.58 -11.73
C ILE A 91 0.98 1.80 -10.90
N GLN A 92 1.01 1.69 -9.58
CA GLN A 92 0.49 2.78 -8.75
C GLN A 92 0.94 2.69 -7.29
N PHE A 93 0.84 3.81 -6.59
CA PHE A 93 1.09 3.81 -5.13
C PHE A 93 -0.07 4.55 -4.47
N HIS A 94 -0.42 4.12 -3.27
CA HIS A 94 -1.48 4.77 -2.50
C HIS A 94 -1.15 4.62 -1.02
N PHE A 95 -2.03 5.16 -0.19
CA PHE A 95 -1.80 5.21 1.24
C PHE A 95 -3.04 4.76 2.01
N HIS A 96 -2.79 4.38 3.26
CA HIS A 96 -3.83 4.18 4.26
C HIS A 96 -3.39 4.98 5.48
N TRP A 97 -4.33 5.65 6.15
CA TRP A 97 -3.97 6.47 7.29
C TRP A 97 -5.13 6.57 8.29
N GLY A 98 -4.88 7.17 9.46
CA GLY A 98 -5.84 7.15 10.57
C GLY A 98 -6.43 8.53 10.88
N SER A 99 -7.38 8.58 11.83
CA SER A 99 -8.02 9.82 12.25
C SER A 99 -7.11 10.51 13.26
N HIS A 100 -6.09 9.79 13.72
CA HIS A 100 -5.08 10.36 14.60
C HIS A 100 -3.81 9.54 14.44
N ASP A 101 -2.70 10.05 14.99
CA ASP A 101 -1.36 9.60 14.65
C ASP A 101 -1.07 8.21 15.25
N GLY A 102 -1.93 7.73 16.15
CA GLY A 102 -1.67 6.47 16.80
C GLY A 102 -2.15 5.27 16.00
N GLN A 103 -2.79 5.48 14.85
CA GLN A 103 -3.20 4.35 14.02
C GLN A 103 -3.22 4.83 12.58
N GLY A 104 -3.44 3.90 11.64
CA GLY A 104 -3.43 4.25 10.25
C GLY A 104 -2.85 3.15 9.37
N SER A 105 -1.83 2.45 9.88
CA SER A 105 -1.18 1.41 9.10
C SER A 105 -2.10 0.18 9.05
N GLU A 106 -1.86 -0.66 8.06
CA GLU A 106 -2.61 -1.88 7.88
C GLU A 106 -1.85 -3.03 8.54
N HIS A 107 -0.59 -3.20 8.10
CA HIS A 107 0.29 -4.13 8.81
C HIS A 107 0.60 -3.51 10.17
N THR A 108 0.76 -4.39 11.17
CA THR A 108 1.31 -4.00 12.45
C THR A 108 2.59 -4.81 12.69
N VAL A 109 3.46 -4.23 13.54
CA VAL A 109 4.70 -4.87 13.96
C VAL A 109 4.68 -4.98 15.49
N ASP A 110 4.64 -6.22 15.97
CA ASP A 110 4.47 -6.57 17.37
C ASP A 110 3.27 -5.79 17.89
N LYS A 111 2.19 -5.76 17.09
CA LYS A 111 0.92 -5.17 17.42
C LYS A 111 0.98 -3.65 17.45
N LYS A 112 2.11 -3.06 17.07
CA LYS A 112 2.19 -1.62 17.01
C LYS A 112 1.67 -1.12 15.64
N LYS A 113 0.84 -0.06 15.68
CA LYS A 113 0.30 0.61 14.51
C LYS A 113 1.10 1.89 14.22
N TYR A 114 1.36 2.14 12.94
CA TYR A 114 1.99 3.39 12.54
C TYR A 114 0.88 4.32 12.12
N ALA A 115 1.27 5.59 11.85
CA ALA A 115 0.34 6.66 11.50
C ALA A 115 -0.25 6.49 10.10
N ALA A 116 0.50 5.77 9.25
CA ALA A 116 0.09 5.55 7.87
C ALA A 116 0.92 4.42 7.27
N GLU A 117 0.47 3.93 6.10
CA GLU A 117 1.20 2.95 5.32
C GLU A 117 1.09 3.30 3.85
N LEU A 118 2.24 3.24 3.15
CA LEU A 118 2.34 3.41 1.72
C LEU A 118 2.44 2.04 1.05
N HIS A 119 1.71 1.88 -0.06
CA HIS A 119 1.64 0.65 -0.82
C HIS A 119 1.96 1.00 -2.27
N LEU A 120 3.04 0.41 -2.75
CA LEU A 120 3.51 0.51 -4.12
C LEU A 120 3.20 -0.82 -4.77
N VAL A 121 2.33 -0.75 -5.77
CA VAL A 121 1.67 -1.91 -6.33
C VAL A 121 2.29 -2.24 -7.69
N HIS A 122 2.77 -3.47 -7.83
CA HIS A 122 3.43 -3.92 -9.04
C HIS A 122 2.78 -5.21 -9.54
N TRP A 123 2.80 -5.43 -10.87
CA TRP A 123 2.23 -6.64 -11.44
C TRP A 123 3.24 -7.41 -12.29
N ASN A 124 3.02 -8.73 -12.36
CA ASN A 124 3.93 -9.70 -13.00
C ASN A 124 3.82 -9.59 -14.54
N THR A 125 4.92 -9.17 -15.17
CA THR A 125 4.94 -8.82 -16.58
C THR A 125 4.65 -10.04 -17.46
N LYS A 126 4.75 -11.23 -16.90
CA LYS A 126 4.44 -12.40 -17.72
C LYS A 126 2.95 -12.51 -17.96
N TYR A 127 2.10 -11.74 -17.25
CA TYR A 127 0.66 -11.87 -17.44
C TYR A 127 0.17 -10.75 -18.35
N GLY A 128 1.05 -9.82 -18.73
CA GLY A 128 0.68 -8.93 -19.82
C GLY A 128 0.06 -7.61 -19.38
N ASP A 129 -0.91 -7.61 -18.43
CA ASP A 129 -1.34 -6.37 -17.81
C ASP A 129 -1.84 -6.59 -16.38
N PHE A 130 -2.08 -5.45 -15.72
CA PHE A 130 -2.54 -5.49 -14.34
C PHE A 130 -3.77 -6.36 -14.21
N GLY A 131 -4.77 -6.20 -15.08
CA GLY A 131 -6.05 -6.89 -14.93
C GLY A 131 -5.96 -8.42 -15.04
N LYS A 132 -5.05 -8.92 -15.86
CA LYS A 132 -4.85 -10.36 -15.95
C LYS A 132 -4.08 -10.81 -14.71
N ALA A 133 -3.12 -9.98 -14.29
CA ALA A 133 -2.18 -10.34 -13.24
C ALA A 133 -2.91 -10.53 -11.91
N VAL A 134 -3.85 -9.63 -11.63
CA VAL A 134 -4.47 -9.57 -10.31
C VAL A 134 -5.31 -10.82 -10.05
N GLN A 135 -5.55 -11.62 -11.10
CA GLN A 135 -6.35 -12.81 -10.99
C GLN A 135 -5.46 -14.01 -10.64
N GLN A 136 -4.14 -13.83 -10.52
CA GLN A 136 -3.23 -14.97 -10.39
C GLN A 136 -2.52 -14.96 -9.04
N PRO A 137 -2.27 -16.16 -8.43
CA PRO A 137 -1.62 -16.21 -7.12
C PRO A 137 -0.30 -15.43 -7.06
N ASP A 138 0.49 -15.45 -8.15
CA ASP A 138 1.78 -14.78 -8.20
C ASP A 138 1.73 -13.52 -9.07
N GLY A 139 0.56 -12.86 -9.15
CA GLY A 139 0.34 -11.80 -10.13
C GLY A 139 0.84 -10.43 -9.65
N LEU A 140 0.81 -10.20 -8.33
CA LEU A 140 1.10 -8.89 -7.79
C LEU A 140 2.18 -8.95 -6.72
N ALA A 141 2.89 -7.83 -6.57
CA ALA A 141 3.84 -7.63 -5.49
C ALA A 141 3.59 -6.22 -5.00
N VAL A 142 3.42 -6.09 -3.68
CA VAL A 142 3.20 -4.79 -3.09
C VAL A 142 4.30 -4.57 -2.08
N LEU A 143 4.97 -3.45 -2.25
CA LEU A 143 5.95 -2.98 -1.33
C LEU A 143 5.27 -2.04 -0.33
N GLY A 144 5.33 -2.44 0.92
CA GLY A 144 4.69 -1.72 2.01
C GLY A 144 5.75 -1.05 2.89
N ILE A 145 5.48 0.22 3.18
CA ILE A 145 6.36 1.11 3.89
C ILE A 145 5.55 1.88 4.91
N PHE A 146 5.95 1.80 6.18
CA PHE A 146 5.26 2.49 7.25
C PHE A 146 5.63 3.99 7.25
N LEU A 147 4.66 4.84 7.65
CA LEU A 147 4.98 6.24 7.95
C LEU A 147 4.88 6.46 9.44
N LYS A 148 5.93 7.08 9.96
CA LYS A 148 6.12 7.32 11.38
C LYS A 148 6.27 8.81 11.56
N VAL A 149 5.53 9.35 12.52
CA VAL A 149 5.51 10.76 12.77
C VAL A 149 6.86 11.20 13.30
N GLY A 150 7.39 12.29 12.72
CA GLY A 150 8.66 12.90 13.11
C GLY A 150 8.95 14.13 12.23
N SER A 151 10.16 14.19 11.66
CA SER A 151 10.51 15.22 10.71
C SER A 151 9.70 15.07 9.44
N ALA A 152 9.41 16.20 8.78
CA ALA A 152 8.75 16.16 7.47
C ALA A 152 9.67 15.48 6.45
N LEU A 153 9.05 14.79 5.50
CA LEU A 153 9.75 14.18 4.39
C LEU A 153 9.58 15.07 3.16
N PRO A 154 10.65 15.60 2.56
CA PRO A 154 10.49 16.42 1.36
C PRO A 154 9.92 15.60 0.21
N GLY A 155 10.31 14.33 0.16
CA GLY A 155 9.91 13.42 -0.88
C GLY A 155 8.39 13.26 -0.98
N LEU A 156 7.69 13.59 0.10
CA LEU A 156 6.24 13.47 0.14
C LEU A 156 5.57 14.80 -0.20
N GLN A 157 6.31 15.91 -0.11
CA GLN A 157 5.64 17.20 -0.05
C GLN A 157 4.91 17.48 -1.36
N LYS A 158 5.35 16.90 -2.46
CA LYS A 158 4.71 17.15 -3.72
C LYS A 158 3.33 16.48 -3.72
N VAL A 159 3.18 15.39 -2.98
CA VAL A 159 1.87 14.74 -2.88
C VAL A 159 0.94 15.58 -1.98
N VAL A 160 1.41 15.96 -0.79
CA VAL A 160 0.55 16.72 0.12
C VAL A 160 0.10 18.00 -0.56
N ASP A 161 0.96 18.61 -1.37
CA ASP A 161 0.68 19.88 -2.00
C ASP A 161 -0.51 19.81 -2.97
N VAL A 162 -0.82 18.66 -3.54
CA VAL A 162 -1.87 18.62 -4.55
C VAL A 162 -3.17 18.05 -3.95
N LEU A 163 -3.15 17.69 -2.67
CA LEU A 163 -4.31 17.03 -2.10
C LEU A 163 -5.54 17.94 -2.16
N ASP A 164 -5.33 19.26 -2.01
CA ASP A 164 -6.47 20.16 -2.04
C ASP A 164 -7.16 20.16 -3.40
N SER A 165 -6.44 19.82 -4.47
CA SER A 165 -7.06 19.74 -5.78
C SER A 165 -7.85 18.46 -6.00
N ILE A 166 -7.77 17.48 -5.10
CA ILE A 166 -8.48 16.22 -5.30
C ILE A 166 -9.26 15.85 -4.03
N LYS A 167 -9.87 16.87 -3.43
CA LYS A 167 -10.38 16.76 -2.08
C LYS A 167 -11.55 15.77 -2.05
N THR A 168 -12.36 15.76 -3.11
CA THR A 168 -13.59 14.95 -3.13
C THR A 168 -13.47 13.78 -4.09
N LYS A 169 -14.29 12.76 -3.88
CA LYS A 169 -14.16 11.51 -4.68
C LYS A 169 -14.34 11.80 -6.17
N GLY A 170 -13.58 11.08 -7.00
CA GLY A 170 -13.71 11.27 -8.45
C GLY A 170 -12.72 12.30 -8.97
N LYS A 171 -12.25 13.19 -8.10
CA LYS A 171 -11.35 14.22 -8.58
C LYS A 171 -9.97 13.66 -8.83
N SER A 172 -9.35 14.11 -9.96
CA SER A 172 -7.99 13.76 -10.29
C SER A 172 -7.24 15.00 -10.77
N ALA A 173 -5.90 14.87 -10.90
CA ALA A 173 -5.05 15.93 -11.42
C ALA A 173 -3.80 15.31 -12.10
N ASP A 174 -3.21 16.11 -12.98
CA ASP A 174 -1.91 15.81 -13.56
C ASP A 174 -0.89 15.72 -12.45
N PHE A 175 0.02 14.73 -12.58
CA PHE A 175 1.00 14.50 -11.56
C PHE A 175 2.18 13.84 -12.25
N THR A 176 2.97 14.68 -12.91
CA THR A 176 4.09 14.22 -13.70
C THR A 176 5.36 14.51 -12.93
N ASN A 177 6.41 13.75 -13.28
CA ASN A 177 7.74 14.01 -12.78
C ASN A 177 7.84 13.82 -11.27
N PHE A 178 7.00 12.95 -10.70
CA PHE A 178 7.15 12.56 -9.31
C PHE A 178 8.07 11.32 -9.25
N ASP A 179 9.13 11.38 -8.45
CA ASP A 179 10.06 10.26 -8.33
C ASP A 179 9.79 9.51 -7.02
N PRO A 180 9.29 8.26 -7.10
CA PRO A 180 8.95 7.48 -5.91
C PRO A 180 10.15 7.04 -5.08
N ARG A 181 11.38 7.18 -5.60
CA ARG A 181 12.53 6.83 -4.81
C ARG A 181 12.58 7.74 -3.60
N GLY A 182 11.85 8.86 -3.66
CA GLY A 182 11.88 9.79 -2.55
C GLY A 182 11.05 9.29 -1.39
N LEU A 183 10.29 8.17 -1.62
CA LEU A 183 9.48 7.58 -0.58
C LEU A 183 10.10 6.31 0.03
N LEU A 184 11.35 5.99 -0.31
CA LEU A 184 12.00 4.80 0.24
C LEU A 184 12.84 5.18 1.45
N PRO A 185 12.86 4.37 2.53
CA PRO A 185 13.83 4.56 3.61
C PRO A 185 15.21 4.10 3.11
N GLU A 186 16.21 4.29 3.97
CA GLU A 186 17.60 3.91 3.69
C GLU A 186 17.75 2.41 3.48
N SER A 187 17.15 1.64 4.41
CA SER A 187 17.25 0.19 4.43
C SER A 187 16.12 -0.47 3.62
N LEU A 188 16.50 -1.49 2.83
CA LEU A 188 15.55 -2.37 2.19
C LEU A 188 15.38 -3.68 2.98
N ASP A 189 15.75 -3.73 4.26
CA ASP A 189 15.39 -4.88 5.08
C ASP A 189 13.86 -5.01 5.09
N TYR A 190 13.34 -6.24 4.94
CA TYR A 190 11.90 -6.48 4.79
C TYR A 190 11.49 -7.80 5.43
N TRP A 191 10.17 -7.93 5.65
CA TRP A 191 9.48 -9.18 5.86
C TRP A 191 8.60 -9.49 4.66
N THR A 192 8.35 -10.79 4.38
CA THR A 192 7.55 -11.17 3.21
C THR A 192 6.68 -12.38 3.57
N TYR A 193 5.47 -12.37 3.00
CA TYR A 193 4.48 -13.43 3.18
C TYR A 193 3.50 -13.34 2.01
N PRO A 194 2.85 -14.48 1.64
CA PRO A 194 1.82 -14.49 0.63
C PRO A 194 0.49 -14.06 1.22
N GLY A 195 -0.15 -13.12 0.55
CA GLY A 195 -1.40 -12.57 1.06
C GLY A 195 -2.31 -12.11 -0.07
N SER A 196 -3.02 -11.00 0.20
CA SER A 196 -4.10 -10.53 -0.65
C SER A 196 -4.07 -9.00 -0.77
N LEU A 197 -4.88 -8.49 -1.69
CA LEU A 197 -5.36 -7.12 -1.62
C LEU A 197 -6.06 -6.85 -0.29
N THR A 198 -5.81 -5.67 0.32
CA THR A 198 -6.43 -5.33 1.59
C THR A 198 -7.76 -4.57 1.42
N THR A 199 -8.21 -4.47 0.18
CA THR A 199 -9.53 -3.95 -0.16
C THR A 199 -10.22 -4.90 -1.11
N PRO A 200 -11.57 -4.85 -1.16
CA PRO A 200 -12.32 -5.60 -2.15
C PRO A 200 -11.71 -5.40 -3.52
N PRO A 201 -11.59 -6.43 -4.38
CA PRO A 201 -12.13 -7.76 -4.09
C PRO A 201 -11.34 -8.74 -3.21
N LEU A 202 -10.26 -8.26 -2.59
CA LEU A 202 -9.52 -9.04 -1.60
C LEU A 202 -8.90 -10.32 -2.18
N LEU A 203 -8.55 -10.27 -3.47
CA LEU A 203 -7.98 -11.40 -4.20
C LEU A 203 -6.63 -11.79 -3.61
N GLU A 204 -6.37 -13.09 -3.56
CA GLU A 204 -5.19 -13.65 -2.92
C GLU A 204 -4.06 -13.79 -3.95
N SER A 205 -3.63 -12.63 -4.45
CA SER A 205 -2.72 -12.53 -5.59
C SER A 205 -1.45 -11.74 -5.25
N VAL A 206 -1.18 -11.49 -3.96
CA VAL A 206 -0.16 -10.54 -3.58
C VAL A 206 0.96 -11.26 -2.83
N THR A 207 2.21 -11.05 -3.30
CA THR A 207 3.39 -11.26 -2.48
C THR A 207 3.62 -9.93 -1.77
N TRP A 208 3.49 -9.91 -0.44
CA TRP A 208 3.81 -8.75 0.36
C TRP A 208 5.30 -8.67 0.69
N ILE A 209 5.84 -7.45 0.50
CA ILE A 209 7.18 -7.09 0.92
C ILE A 209 7.06 -5.85 1.79
N VAL A 210 7.23 -6.03 3.10
CA VAL A 210 6.96 -4.95 4.03
C VAL A 210 8.32 -4.57 4.64
N LEU A 211 8.74 -3.35 4.36
CA LEU A 211 10.02 -2.86 4.84
C LEU A 211 9.95 -2.63 6.34
N LYS A 212 11.06 -2.95 6.99
CA LYS A 212 11.19 -2.82 8.42
C LYS A 212 11.33 -1.34 8.80
N GLU A 213 12.11 -0.58 8.03
CA GLU A 213 12.42 0.80 8.38
C GLU A 213 11.30 1.73 7.90
N PRO A 214 10.66 2.48 8.80
CA PRO A 214 9.67 3.47 8.37
C PRO A 214 10.33 4.69 7.76
N ILE A 215 9.57 5.38 6.90
CA ILE A 215 9.93 6.73 6.51
C ILE A 215 9.25 7.70 7.49
N SER A 216 9.90 8.86 7.68
CA SER A 216 9.45 9.86 8.63
C SER A 216 8.60 10.90 7.92
N VAL A 217 7.45 11.24 8.50
CA VAL A 217 6.60 12.30 7.99
C VAL A 217 6.20 13.17 9.17
N SER A 218 5.93 14.45 8.90
CA SER A 218 5.50 15.33 9.98
C SER A 218 4.03 15.17 10.26
N SER A 219 3.69 15.58 11.48
CA SER A 219 2.32 15.68 11.94
C SER A 219 1.46 16.50 10.97
N GLU A 220 2.03 17.62 10.54
CA GLU A 220 1.43 18.55 9.58
C GLU A 220 1.19 17.88 8.22
N GLN A 221 2.15 17.08 7.73
CA GLN A 221 1.91 16.33 6.49
C GLN A 221 0.75 15.32 6.61
N VAL A 222 0.71 14.51 7.66
CA VAL A 222 -0.35 13.48 7.80
C VAL A 222 -1.73 14.17 7.93
N SER A 223 -1.78 15.28 8.65
CA SER A 223 -3.06 16.02 8.86
C SER A 223 -3.69 16.46 7.53
N LYS A 224 -2.87 16.80 6.52
CA LYS A 224 -3.41 17.17 5.19
C LYS A 224 -4.15 15.97 4.60
N PHE A 225 -3.64 14.77 4.81
CA PHE A 225 -4.39 13.62 4.33
C PHE A 225 -5.79 13.55 4.95
N ARG A 226 -5.91 13.97 6.21
CA ARG A 226 -7.16 13.85 6.94
C ARG A 226 -8.21 14.86 6.46
N LYS A 227 -7.81 15.86 5.67
CA LYS A 227 -8.73 16.82 5.08
C LYS A 227 -9.20 16.39 3.69
N LEU A 228 -8.80 15.20 3.23
CA LEU A 228 -9.46 14.55 2.11
C LEU A 228 -10.83 14.08 2.54
N ASN A 229 -11.70 13.82 1.55
CA ASN A 229 -13.09 13.42 1.79
C ASN A 229 -13.43 12.14 1.02
N PHE A 230 -14.21 11.27 1.68
CA PHE A 230 -14.74 10.06 1.06
C PHE A 230 -15.86 10.40 0.08
N ASN A 231 -16.58 11.48 0.40
CA ASN A 231 -17.76 11.92 -0.31
C ASN A 231 -17.41 12.73 -1.55
N GLY A 232 -18.36 12.77 -2.50
CA GLY A 232 -18.26 13.56 -3.72
C GLY A 232 -18.71 15.01 -3.47
N GLU A 233 -18.45 15.84 -4.47
CA GLU A 233 -18.59 17.28 -4.30
C GLU A 233 -20.05 17.56 -3.98
N GLY A 234 -20.32 18.14 -2.79
CA GLY A 234 -21.63 18.65 -2.43
C GLY A 234 -22.49 17.65 -1.66
N GLU A 235 -22.06 16.40 -1.53
CA GLU A 235 -22.79 15.49 -0.66
C GLU A 235 -22.40 15.83 0.77
N PRO A 236 -22.98 15.20 1.81
CA PRO A 236 -22.51 15.42 3.17
C PRO A 236 -21.01 15.12 3.28
N GLU A 237 -20.25 15.98 3.97
CA GLU A 237 -18.81 15.77 4.13
C GLU A 237 -18.53 14.53 4.97
N GLU A 238 -17.48 13.79 4.61
CA GLU A 238 -17.11 12.59 5.33
C GLU A 238 -15.59 12.46 5.25
N PRO A 239 -14.82 12.94 6.25
CA PRO A 239 -13.37 13.05 6.09
C PRO A 239 -12.84 11.65 5.78
N MET A 240 -11.88 11.58 4.86
CA MET A 240 -11.27 10.32 4.50
C MET A 240 -10.18 10.05 5.54
N VAL A 241 -10.56 9.30 6.58
CA VAL A 241 -9.67 8.88 7.66
C VAL A 241 -10.02 7.42 7.96
N ASP A 242 -9.06 6.72 8.57
CA ASP A 242 -9.23 5.34 9.00
C ASP A 242 -9.64 4.46 7.82
N ASN A 243 -8.95 4.65 6.69
CA ASN A 243 -9.14 3.83 5.51
C ASN A 243 -8.16 2.66 5.47
N TRP A 244 -8.05 1.99 6.63
CA TRP A 244 -7.25 0.78 6.80
C TRP A 244 -8.12 -0.40 7.23
N ARG A 245 -7.73 -1.58 6.76
CA ARG A 245 -8.35 -2.82 7.15
C ARG A 245 -7.54 -3.39 8.31
N PRO A 246 -8.20 -3.90 9.39
CA PRO A 246 -7.49 -4.52 10.52
C PRO A 246 -6.74 -5.80 10.11
N THR A 247 -5.80 -6.23 10.95
CA THR A 247 -5.02 -7.42 10.62
C THR A 247 -5.94 -8.64 10.70
N GLN A 248 -5.60 -9.62 9.88
CA GLN A 248 -6.30 -10.87 9.72
C GLN A 248 -5.41 -12.00 10.18
N PRO A 249 -5.98 -13.18 10.48
CA PRO A 249 -5.19 -14.32 10.96
C PRO A 249 -4.19 -14.87 9.94
N LEU A 250 -2.98 -15.13 10.44
CA LEU A 250 -1.89 -15.60 9.62
C LEU A 250 -2.23 -16.99 9.07
N LYS A 251 -2.97 -17.78 9.87
CA LYS A 251 -3.34 -19.16 9.51
C LYS A 251 -2.07 -19.96 9.15
N ASN A 252 -2.06 -20.66 8.01
CA ASN A 252 -0.97 -21.62 7.76
C ASN A 252 0.14 -21.00 6.92
N ARG A 253 0.57 -19.80 7.30
CA ARG A 253 1.56 -19.06 6.56
C ARG A 253 2.78 -18.72 7.41
N GLN A 254 3.84 -18.45 6.67
CA GLN A 254 5.14 -18.07 7.21
C GLN A 254 5.45 -16.65 6.80
N ILE A 255 5.78 -15.82 7.79
CA ILE A 255 6.45 -14.57 7.51
C ILE A 255 7.96 -14.80 7.56
N LYS A 256 8.65 -14.55 6.43
CA LYS A 256 10.11 -14.61 6.34
C LYS A 256 10.69 -13.22 6.56
N ALA A 257 11.85 -13.19 7.23
CA ALA A 257 12.69 -12.02 7.34
C ALA A 257 13.81 -12.10 6.30
N SER A 258 14.20 -10.94 5.78
CA SER A 258 15.22 -10.80 4.75
C SER A 258 16.60 -10.64 5.38
N PHE A 259 16.63 -10.44 6.70
CA PHE A 259 17.79 -9.96 7.44
C PHE A 259 17.95 -10.82 8.71
N LYS A 260 19.21 -11.00 9.17
CA LYS A 260 19.53 -11.88 10.29
C LYS A 260 19.17 -11.20 11.62
#